data_4D8A
#
_entry.id   4D8A
#
_cell.length_a   98.177
_cell.length_b   98.177
_cell.length_c   262.867
_cell.angle_alpha   90.00
_cell.angle_beta   90.00
_cell.angle_gamma   120.00
#
_symmetry.space_group_name_H-M   'P 62 2 2'
#
loop_
_entity.id
_entity.type
_entity.pdbx_description
1 polymer 'Dihydropteroate synthase'
2 non-polymer LYSINE
3 non-polymer 'SULFATE ION'
4 non-polymer 'methyl (3R)-3-(7-amino-4,5-dioxo-1,4,5,6-tetrahydropyrimido[4,5-c]pyridazin-3-yl)butanoate'
5 water water
#
_entity_poly.entity_id   1
_entity_poly.type   'polypeptide(L)'
_entity_poly.pdbx_seq_one_letter_code
;MGSSHHHHHHSSGLVPRGSHMKWDYDLRCGEYTLNLNEKTLIMGILNVTPDSFSDGGSYNEVDAAVRHAKEMRDEGAHII
DIGGESTRPGFAKVSVEEEIKRVVPMIQAVSKEVKLPISIDTYKAEVAKQAIEAGAHIINDIWGAKAEPKIAEVAAHYDV
PIILMHNRDNMNYRNLMADMIADLYDSIKIAKDAGVRDENIILDPGIGFAKTPEQNLEAMRNLEQLNVLGYPVLLGTSRK
SFIGHVLDLPVEERLEGTGATVCLGIEKGCEFVRVHDVKEMSRMAKMMDAMIGKGVK
;
_entity_poly.pdbx_strand_id   A,B
#
loop_
_chem_comp.id
_chem_comp.type
_chem_comp.name
_chem_comp.formula
0HY non-polymer 'methyl (3R)-3-(7-amino-4,5-dioxo-1,4,5,6-tetrahydropyrimido[4,5-c]pyridazin-3-yl)butanoate' 'C11 H13 N5 O4'
SO4 non-polymer 'SULFATE ION' 'O4 S -2'
#
# COMPACT_ATOMS: atom_id res chain seq x y z
N LYS A 22 -1.27 -15.71 38.79
CA LYS A 22 -1.05 -14.34 39.26
C LYS A 22 -2.15 -13.38 38.79
N TRP A 23 -2.43 -13.39 37.49
CA TRP A 23 -3.52 -12.55 36.96
C TRP A 23 -4.81 -13.36 36.81
N ASP A 24 -5.85 -12.94 37.50
CA ASP A 24 -7.12 -13.67 37.45
C ASP A 24 -7.99 -13.17 36.31
N TYR A 25 -7.41 -12.31 35.47
CA TYR A 25 -8.15 -11.77 34.32
C TYR A 25 -7.27 -11.68 33.08
N ASP A 26 -7.92 -11.62 31.91
CA ASP A 26 -7.28 -11.41 30.63
C ASP A 26 -7.48 -9.98 30.17
N LEU A 27 -6.45 -9.40 29.58
CA LEU A 27 -6.61 -8.11 28.93
C LEU A 27 -7.56 -8.31 27.76
N ARG A 28 -8.75 -7.73 27.86
CA ARG A 28 -9.73 -7.80 26.79
C ARG A 28 -9.52 -6.64 25.83
N CYS A 29 -9.26 -6.98 24.57
CA CYS A 29 -8.97 -5.97 23.55
C CYS A 29 -9.91 -6.11 22.36
N GLY A 30 -11.21 -6.11 22.63
CA GLY A 30 -12.19 -6.27 21.57
C GLY A 30 -12.16 -7.67 20.98
N GLU A 31 -11.76 -7.77 19.73
CA GLU A 31 -11.70 -9.05 19.05
C GLU A 31 -10.52 -9.93 19.51
N TYR A 32 -9.51 -9.31 20.09
CA TYR A 32 -8.35 -10.05 20.56
C TYR A 32 -8.33 -10.07 22.09
N THR A 33 -7.84 -11.17 22.65
CA THR A 33 -7.64 -11.30 24.09
C THR A 33 -6.19 -11.62 24.40
N LEU A 34 -5.61 -10.90 25.36
CA LEU A 34 -4.23 -11.12 25.75
C LEU A 34 -4.10 -11.75 27.16
N ASN A 35 -3.40 -12.87 27.24
CA ASN A 35 -3.19 -13.55 28.50
C ASN A 35 -1.92 -13.06 29.18
N LEU A 36 -2.10 -12.53 30.40
CA LEU A 36 -1.01 -11.92 31.15
C LEU A 36 -0.12 -12.92 31.86
N ASN A 37 -0.48 -14.20 31.80
CA ASN A 37 0.18 -15.23 32.60
C ASN A 37 1.11 -16.18 31.83
N GLU A 38 0.76 -16.48 30.59
CA GLU A 38 1.48 -17.48 29.82
C GLU A 38 2.84 -17.02 29.29
N LYS A 39 2.99 -15.73 29.02
CA LYS A 39 4.26 -15.22 28.48
C LYS A 39 4.34 -13.72 28.58
N THR A 40 5.55 -13.19 28.56
CA THR A 40 5.76 -11.76 28.40
C THR A 40 5.25 -11.31 27.03
N LEU A 41 4.43 -10.27 27.02
CA LEU A 41 3.82 -9.81 25.78
C LEU A 41 4.70 -8.76 25.10
N ILE A 42 4.88 -8.90 23.79
CA ILE A 42 5.80 -8.04 23.07
C ILE A 42 5.04 -6.94 22.34
N MET A 43 5.33 -5.69 22.65
CA MET A 43 4.74 -4.60 21.89
C MET A 43 5.76 -4.04 20.90
N GLY A 44 5.51 -4.25 19.61
CA GLY A 44 6.40 -3.73 18.57
C GLY A 44 6.16 -2.26 18.31
N ILE A 45 7.24 -1.49 18.20
CA ILE A 45 7.16 -0.06 17.88
C ILE A 45 7.16 0.20 16.36
N LEU A 46 6.05 0.72 15.85
CA LEU A 46 5.91 0.98 14.41
C LEU A 46 6.63 2.24 13.90
N ASN A 47 7.38 2.08 12.80
CA ASN A 47 7.91 3.21 12.03
C ASN A 47 6.77 4.07 11.49
N VAL A 48 6.86 5.37 11.70
CA VAL A 48 5.83 6.28 11.18
C VAL A 48 6.36 7.24 10.11
N THR A 49 7.54 6.93 9.56
CA THR A 49 8.19 7.80 8.58
C THR A 49 7.19 8.42 7.61
N PRO A 50 6.87 9.71 7.79
CA PRO A 50 5.83 10.36 6.99
C PRO A 50 6.33 10.84 5.63
N ASP A 51 5.40 10.93 4.66
CA ASP A 51 5.73 11.50 3.36
C ASP A 51 5.71 13.01 3.45
N SER A 52 6.76 13.66 2.93
CA SER A 52 6.68 15.08 2.67
C SER A 52 5.62 15.26 1.60
N PHE A 53 5.17 16.50 1.38
CA PHE A 53 4.15 16.76 0.35
C PHE A 53 2.77 16.26 0.76
N SER A 54 2.74 15.34 1.73
CA SER A 54 1.50 14.68 2.12
C SER A 54 1.03 15.10 3.52
N ASP A 55 -0.29 15.15 3.69
CA ASP A 55 -0.93 15.41 4.97
C ASP A 55 -1.08 14.11 5.75
N GLY A 56 -1.07 13.00 5.00
CA GLY A 56 -1.24 11.67 5.56
C GLY A 56 -2.05 10.77 4.65
N GLY A 57 -1.88 9.46 4.83
CA GLY A 57 -2.66 8.49 4.07
C GLY A 57 -2.09 8.08 2.72
N SER A 58 -0.96 8.67 2.34
CA SER A 58 -0.31 8.37 1.06
C SER A 58 0.05 6.90 0.98
N TYR A 59 0.20 6.40 -0.25
CA TYR A 59 0.47 4.99 -0.46
C TYR A 59 1.82 4.56 0.09
N ASN A 60 2.83 5.42 -0.03
CA ASN A 60 4.15 5.09 0.48
C ASN A 60 4.20 4.99 2.01
N GLU A 61 3.65 6.00 2.67
CA GLU A 61 3.56 6.03 4.13
C GLU A 61 2.89 4.77 4.64
N VAL A 62 1.65 4.58 4.22
CA VAL A 62 0.81 3.53 4.76
C VAL A 62 1.28 2.14 4.39
N ASP A 63 1.86 1.99 3.19
CA ASP A 63 2.36 0.69 2.79
C ASP A 63 3.64 0.32 3.56
N ALA A 64 4.52 1.30 3.76
CA ALA A 64 5.73 1.08 4.56
C ALA A 64 5.32 0.65 5.96
N ALA A 65 4.35 1.36 6.52
CA ALA A 65 3.76 1.06 7.82
C ALA A 65 3.21 -0.36 7.88
N VAL A 66 2.31 -0.70 6.97
CA VAL A 66 1.74 -2.05 6.91
C VAL A 66 2.80 -3.14 6.83
N ARG A 67 3.82 -2.93 5.98
CA ARG A 67 4.84 -3.95 5.79
C ARG A 67 5.61 -4.17 7.08
N HIS A 68 5.88 -3.09 7.78
CA HIS A 68 6.58 -3.19 9.06
C HIS A 68 5.74 -3.91 10.12
N ALA A 69 4.44 -3.62 10.16
CA ALA A 69 3.54 -4.28 11.10
C ALA A 69 3.54 -5.79 10.87
N LYS A 70 3.53 -6.17 9.58
CA LYS A 70 3.54 -7.57 9.16
C LYS A 70 4.83 -8.27 9.54
N GLU A 71 5.94 -7.58 9.34
CA GLU A 71 7.22 -8.09 9.75
C GLU A 71 7.18 -8.32 11.26
N MET A 72 6.80 -7.29 12.00
CA MET A 72 6.80 -7.42 13.45
C MET A 72 5.90 -8.56 13.90
N ARG A 73 4.72 -8.66 13.29
CA ARG A 73 3.86 -9.82 13.51
C ARG A 73 4.63 -11.13 13.30
N ASP A 74 5.31 -11.25 12.15
CA ASP A 74 6.09 -12.45 11.82
C ASP A 74 7.26 -12.70 12.77
N GLU A 75 7.72 -11.66 13.46
CA GLU A 75 8.86 -11.80 14.38
C GLU A 75 8.46 -12.07 15.84
N GLY A 76 7.17 -12.13 16.13
CA GLY A 76 6.68 -12.46 17.46
C GLY A 76 6.06 -11.32 18.26
N ALA A 77 5.68 -10.24 17.59
CA ALA A 77 5.03 -9.12 18.27
C ALA A 77 3.58 -9.47 18.58
N HIS A 78 3.12 -9.12 19.80
CA HIS A 78 1.74 -9.41 20.20
C HIS A 78 0.85 -8.17 20.10
N ILE A 79 1.46 -6.99 20.10
CA ILE A 79 0.74 -5.73 19.92
C ILE A 79 1.52 -4.87 18.96
N ILE A 80 0.83 -4.07 18.16
CA ILE A 80 1.48 -3.07 17.31
C ILE A 80 1.19 -1.68 17.88
N ASP A 81 2.26 -0.97 18.25
CA ASP A 81 2.13 0.38 18.81
C ASP A 81 2.32 1.46 17.73
N ILE A 82 1.29 2.26 17.51
CA ILE A 82 1.31 3.24 16.43
C ILE A 82 1.13 4.67 16.92
N GLY A 83 2.15 5.50 16.67
CA GLY A 83 2.06 6.91 16.99
C GLY A 83 3.26 7.67 16.47
N LYS A 93 5.44 19.58 18.64
CA LYS A 93 5.19 19.92 17.23
C LYS A 93 4.03 19.09 16.69
N VAL A 94 3.37 19.61 15.64
CA VAL A 94 2.24 18.94 14.99
C VAL A 94 0.90 19.13 15.71
N SER A 95 -0.12 19.55 14.97
CA SER A 95 -1.44 19.81 15.53
C SER A 95 -2.24 18.53 15.73
N VAL A 96 -3.39 18.67 16.37
CA VAL A 96 -4.30 17.55 16.58
C VAL A 96 -5.02 17.15 15.30
N GLU A 97 -5.42 18.15 14.52
CA GLU A 97 -6.06 17.93 13.22
C GLU A 97 -5.17 17.06 12.34
N GLU A 98 -3.89 17.39 12.34
CA GLU A 98 -2.90 16.69 11.52
C GLU A 98 -2.56 15.33 12.09
N GLU A 99 -2.20 15.30 13.38
CA GLU A 99 -1.85 14.06 14.06
C GLU A 99 -2.86 12.97 13.69
N ILE A 100 -4.13 13.36 13.60
CA ILE A 100 -5.20 12.42 13.22
C ILE A 100 -5.12 12.01 11.75
N LYS A 101 -4.94 12.99 10.85
CA LYS A 101 -4.82 12.68 9.42
C LYS A 101 -3.64 11.75 9.16
N ARG A 102 -2.57 11.92 9.94
CA ARG A 102 -1.40 11.06 9.84
C ARG A 102 -1.71 9.65 10.33
N VAL A 103 -2.17 9.54 11.56
CA VAL A 103 -2.29 8.24 12.23
C VAL A 103 -3.52 7.41 11.82
N VAL A 104 -4.64 8.06 11.54
CA VAL A 104 -5.87 7.34 11.24
C VAL A 104 -5.77 6.37 10.03
N PRO A 105 -5.18 6.82 8.90
CA PRO A 105 -5.01 5.93 7.74
C PRO A 105 -4.17 4.70 8.08
N MET A 106 -3.15 4.88 8.93
CA MET A 106 -2.28 3.78 9.34
C MET A 106 -3.01 2.74 10.18
N ILE A 107 -3.81 3.20 11.12
CA ILE A 107 -4.58 2.31 11.98
C ILE A 107 -5.62 1.53 11.17
N GLN A 108 -6.31 2.22 10.28
CA GLN A 108 -7.25 1.58 9.35
C GLN A 108 -6.62 0.46 8.50
N ALA A 109 -5.42 0.69 7.99
CA ALA A 109 -4.76 -0.30 7.13
C ALA A 109 -4.17 -1.44 7.94
N VAL A 110 -3.36 -1.10 8.94
CA VAL A 110 -2.74 -2.11 9.79
C VAL A 110 -3.79 -3.02 10.44
N SER A 111 -4.93 -2.46 10.83
CA SER A 111 -5.92 -3.24 11.56
C SER A 111 -6.63 -4.23 10.63
N LYS A 112 -6.85 -3.81 9.40
CA LYS A 112 -7.46 -4.68 8.39
C LYS A 112 -6.50 -5.80 8.00
N GLU A 113 -5.22 -5.46 7.90
CA GLU A 113 -4.26 -6.36 7.26
C GLU A 113 -3.36 -7.13 8.23
N VAL A 114 -3.33 -6.71 9.49
CA VAL A 114 -2.55 -7.40 10.50
C VAL A 114 -3.44 -7.80 11.67
N LYS A 115 -3.72 -9.09 11.78
CA LYS A 115 -4.58 -9.62 12.85
C LYS A 115 -3.86 -9.63 14.20
N LEU A 116 -3.85 -8.47 14.83
CA LEU A 116 -3.04 -8.22 16.02
C LEU A 116 -3.60 -6.94 16.65
N PRO A 117 -3.68 -6.89 17.99
CA PRO A 117 -4.24 -5.70 18.63
C PRO A 117 -3.35 -4.48 18.43
N ILE A 118 -3.97 -3.31 18.29
CA ILE A 118 -3.24 -2.08 18.02
C ILE A 118 -3.40 -1.08 19.13
N SER A 119 -2.30 -0.45 19.52
CA SER A 119 -2.38 0.65 20.48
C SER A 119 -2.02 1.97 19.83
N ILE A 120 -2.74 3.02 20.20
CA ILE A 120 -2.43 4.36 19.72
C ILE A 120 -1.56 5.06 20.78
N ASP A 121 -0.38 5.48 20.32
CA ASP A 121 0.58 6.20 21.14
C ASP A 121 0.25 7.68 21.10
N THR A 122 -0.65 8.12 21.98
CA THR A 122 -1.00 9.53 22.06
C THR A 122 -1.39 9.91 23.49
N TYR A 123 -1.31 11.20 23.81
CA TYR A 123 -1.79 11.70 25.09
C TYR A 123 -2.94 12.67 24.88
N LYS A 124 -3.47 12.72 23.66
CA LYS A 124 -4.53 13.66 23.34
C LYS A 124 -5.88 12.95 23.26
N ALA A 125 -6.86 13.46 24.00
CA ALA A 125 -8.16 12.83 24.07
C ALA A 125 -8.79 12.62 22.69
N GLU A 126 -8.71 13.63 21.82
CA GLU A 126 -9.36 13.56 20.51
C GLU A 126 -8.63 12.61 19.56
N VAL A 127 -7.32 12.59 19.67
CA VAL A 127 -6.52 11.68 18.86
C VAL A 127 -6.84 10.25 19.27
N ALA A 128 -6.98 10.03 20.57
CA ALA A 128 -7.32 8.72 21.10
C ALA A 128 -8.70 8.29 20.61
N LYS A 129 -9.64 9.24 20.63
CA LYS A 129 -11.01 8.99 20.18
C LYS A 129 -11.02 8.59 18.71
N GLN A 130 -10.37 9.40 17.87
CA GLN A 130 -10.28 9.09 16.44
C GLN A 130 -9.60 7.75 16.17
N ALA A 131 -8.48 7.50 16.84
CA ALA A 131 -7.73 6.26 16.63
C ALA A 131 -8.53 5.01 16.97
N ILE A 132 -9.37 5.09 17.99
CA ILE A 132 -10.18 3.94 18.38
C ILE A 132 -11.32 3.71 17.40
N GLU A 133 -11.95 4.79 16.98
CA GLU A 133 -12.93 4.74 15.89
C GLU A 133 -12.30 4.14 14.63
N ALA A 134 -11.04 4.46 14.40
CA ALA A 134 -10.29 3.90 13.28
C ALA A 134 -10.03 2.40 13.44
N GLY A 135 -9.88 1.93 14.68
CA GLY A 135 -9.69 0.50 14.92
C GLY A 135 -8.63 0.13 15.95
N ALA A 136 -8.01 1.12 16.59
CA ALA A 136 -7.09 0.86 17.71
C ALA A 136 -7.81 0.20 18.90
N HIS A 137 -7.11 -0.65 19.64
CA HIS A 137 -7.70 -1.45 20.70
C HIS A 137 -7.28 -0.95 22.08
N ILE A 138 -6.11 -0.35 22.15
CA ILE A 138 -5.52 0.08 23.41
C ILE A 138 -5.06 1.52 23.28
N ILE A 139 -5.17 2.28 24.36
CA ILE A 139 -4.60 3.62 24.42
C ILE A 139 -3.27 3.61 25.15
N ASN A 140 -2.33 4.38 24.64
CA ASN A 140 -0.98 4.45 25.19
C ASN A 140 -0.56 5.91 25.47
N ASP A 141 -0.76 6.35 26.71
CA ASP A 141 -0.57 7.75 27.08
C ASP A 141 0.71 7.98 27.86
N ILE A 142 1.72 8.53 27.19
CA ILE A 142 2.99 8.87 27.84
C ILE A 142 2.87 9.92 28.96
N TRP A 143 1.71 10.55 29.07
CA TRP A 143 1.47 11.52 30.14
C TRP A 143 0.48 11.03 31.20
N GLY A 144 0.17 9.74 31.16
CA GLY A 144 -0.62 9.13 32.21
C GLY A 144 -1.90 9.87 32.53
N ALA A 145 -2.50 10.44 31.50
CA ALA A 145 -3.82 11.06 31.59
C ALA A 145 -3.78 12.39 32.30
N LYS A 146 -2.60 12.96 32.47
CA LYS A 146 -2.47 14.23 33.16
C LYS A 146 -2.39 15.42 32.20
N ALA A 147 -1.99 15.17 30.96
CA ALA A 147 -1.92 16.22 29.95
C ALA A 147 -3.31 16.53 29.41
N GLU A 148 -4.12 15.50 29.26
CA GLU A 148 -5.50 15.67 28.86
C GLU A 148 -6.39 14.67 29.56
N PRO A 149 -6.81 15.02 30.78
CA PRO A 149 -7.59 14.08 31.60
C PRO A 149 -8.78 13.53 30.85
N LYS A 150 -9.28 14.26 29.84
CA LYS A 150 -10.43 13.80 29.08
C LYS A 150 -10.15 12.50 28.32
N ILE A 151 -8.87 12.15 28.19
CA ILE A 151 -8.49 10.91 27.50
C ILE A 151 -8.94 9.71 28.32
N ALA A 152 -9.02 9.90 29.63
CA ALA A 152 -9.44 8.85 30.54
C ALA A 152 -10.93 8.60 30.34
N GLU A 153 -11.65 9.65 29.98
CA GLU A 153 -13.07 9.55 29.69
C GLU A 153 -13.28 8.84 28.36
N VAL A 154 -12.40 9.12 27.38
CA VAL A 154 -12.44 8.39 26.13
C VAL A 154 -12.25 6.91 26.43
N ALA A 155 -11.24 6.62 27.24
CA ALA A 155 -10.91 5.24 27.58
C ALA A 155 -12.06 4.54 28.29
N ALA A 156 -12.63 5.23 29.29
CA ALA A 156 -13.76 4.67 30.02
C ALA A 156 -14.89 4.40 29.04
N HIS A 157 -15.24 5.40 28.26
CA HIS A 157 -16.32 5.29 27.29
C HIS A 157 -16.20 4.09 26.34
N TYR A 158 -15.05 3.94 25.70
CA TYR A 158 -14.86 2.88 24.71
C TYR A 158 -14.50 1.55 25.35
N ASP A 159 -14.10 1.60 26.62
CA ASP A 159 -13.87 0.40 27.41
C ASP A 159 -12.61 -0.32 26.96
N VAL A 160 -11.58 0.46 26.63
CA VAL A 160 -10.32 -0.09 26.16
C VAL A 160 -9.24 0.01 27.22
N PRO A 161 -8.29 -0.93 27.20
CA PRO A 161 -7.17 -0.80 28.15
C PRO A 161 -6.45 0.51 27.89
N ILE A 162 -5.91 1.12 28.94
CA ILE A 162 -5.09 2.31 28.82
C ILE A 162 -3.80 2.15 29.59
N ILE A 163 -2.69 2.48 28.94
CA ILE A 163 -1.38 2.45 29.56
C ILE A 163 -1.09 3.84 30.12
N LEU A 164 -0.90 3.92 31.43
CA LEU A 164 -0.56 5.19 32.05
C LEU A 164 0.91 5.17 32.36
N MET A 165 1.66 6.01 31.66
CA MET A 165 3.11 6.05 31.89
C MET A 165 3.48 7.12 32.90
N HIS A 166 4.52 6.85 33.68
CA HIS A 166 5.04 7.87 34.59
C HIS A 166 5.73 9.01 33.83
N ASN A 167 5.29 10.24 34.10
CA ASN A 167 5.94 11.40 33.49
C ASN A 167 5.83 12.59 34.43
N ARG A 168 6.68 13.59 34.20
CA ARG A 168 6.58 14.88 34.87
C ARG A 168 7.52 15.87 34.18
N ASP A 169 7.36 17.14 34.49
CA ASP A 169 8.09 18.17 33.76
C ASP A 169 9.39 18.57 34.46
N ASN A 170 9.79 17.79 35.46
CA ASN A 170 11.01 18.07 36.23
C ASN A 170 11.67 16.78 36.73
N MET A 171 12.92 16.89 37.15
CA MET A 171 13.64 15.74 37.70
C MET A 171 13.84 15.93 39.20
N ASN A 172 12.98 16.75 39.81
CA ASN A 172 13.19 17.14 41.19
C ASN A 172 12.52 16.21 42.20
N TYR A 173 13.08 15.01 42.32
CA TYR A 173 12.55 13.99 43.21
C TYR A 173 13.12 14.11 44.60
N ARG A 174 12.42 13.51 45.57
CA ARG A 174 12.91 13.41 46.93
C ARG A 174 13.22 11.96 47.23
N ASN A 175 12.51 11.08 46.53
CA ASN A 175 12.70 9.64 46.63
C ASN A 175 12.13 9.05 45.35
N LEU A 176 13.01 8.84 44.37
CA LEU A 176 12.63 8.44 43.02
C LEU A 176 11.45 7.48 42.99
N MET A 177 11.66 6.29 43.58
CA MET A 177 10.64 5.26 43.51
C MET A 177 9.36 5.64 44.24
N ALA A 178 9.50 6.26 45.41
CA ALA A 178 8.32 6.67 46.15
C ALA A 178 7.58 7.72 45.36
N ASP A 179 8.32 8.70 44.85
CA ASP A 179 7.74 9.72 43.99
C ASP A 179 7.06 9.13 42.77
N MET A 180 7.74 8.21 42.09
CA MET A 180 7.19 7.56 40.89
C MET A 180 5.84 6.92 41.21
N ILE A 181 5.83 6.16 42.31
CA ILE A 181 4.63 5.42 42.72
C ILE A 181 3.50 6.38 43.07
N ALA A 182 3.85 7.48 43.73
CA ALA A 182 2.86 8.50 44.04
C ALA A 182 2.31 9.07 42.73
N ASP A 183 3.23 9.49 41.86
CA ASP A 183 2.88 10.01 40.54
C ASP A 183 2.00 9.06 39.73
N LEU A 184 2.40 7.80 39.64
CA LEU A 184 1.60 6.86 38.88
C LEU A 184 0.25 6.77 39.53
N TYR A 185 0.26 6.74 40.86
CA TYR A 185 -1.01 6.58 41.54
C TYR A 185 -1.94 7.76 41.28
N ASP A 186 -1.38 8.95 41.13
CA ASP A 186 -2.19 10.09 40.70
C ASP A 186 -2.84 9.86 39.35
N SER A 187 -2.21 9.05 38.50
CA SER A 187 -2.82 8.75 37.19
C SER A 187 -3.92 7.71 37.37
N ILE A 188 -3.68 6.71 38.21
CA ILE A 188 -4.71 5.72 38.50
C ILE A 188 -6.00 6.39 39.00
N LYS A 189 -5.83 7.45 39.80
CA LYS A 189 -6.97 8.20 40.33
C LYS A 189 -7.77 8.91 39.24
N ILE A 190 -7.06 9.53 38.30
CA ILE A 190 -7.72 10.21 37.19
C ILE A 190 -8.47 9.21 36.32
N ALA A 191 -7.86 8.05 36.14
CA ALA A 191 -8.43 6.99 35.30
C ALA A 191 -9.68 6.43 35.93
N LYS A 192 -9.60 6.10 37.23
CA LYS A 192 -10.73 5.48 37.95
C LYS A 192 -11.84 6.47 38.21
N ASP A 193 -11.48 7.73 38.39
CA ASP A 193 -12.46 8.79 38.56
C ASP A 193 -13.26 9.01 37.29
N ALA A 194 -12.69 8.58 36.17
CA ALA A 194 -13.34 8.77 34.87
C ALA A 194 -14.16 7.55 34.46
N GLY A 195 -14.06 6.49 35.25
CA GLY A 195 -14.83 5.28 34.98
C GLY A 195 -14.00 4.12 34.49
N VAL A 196 -12.68 4.29 34.43
CA VAL A 196 -11.82 3.23 33.93
C VAL A 196 -11.76 2.05 34.91
N ARG A 197 -12.24 0.88 34.46
CA ARG A 197 -12.16 -0.35 35.25
C ARG A 197 -10.72 -0.72 35.55
N ASP A 198 -10.45 -1.24 36.74
CA ASP A 198 -9.10 -1.64 37.12
C ASP A 198 -8.42 -2.49 36.05
N GLU A 199 -9.22 -3.34 35.41
CA GLU A 199 -8.71 -4.33 34.46
C GLU A 199 -8.27 -3.69 33.15
N ASN A 200 -8.69 -2.45 32.94
CA ASN A 200 -8.26 -1.70 31.76
C ASN A 200 -7.11 -0.77 32.04
N ILE A 201 -6.43 -0.99 33.18
CA ILE A 201 -5.29 -0.16 33.56
C ILE A 201 -3.96 -0.92 33.50
N ILE A 202 -3.00 -0.30 32.83
CA ILE A 202 -1.64 -0.82 32.72
C ILE A 202 -0.72 0.33 33.12
N LEU A 203 0.40 0.03 33.77
CA LEU A 203 1.33 1.09 34.16
C LEU A 203 2.66 0.98 33.43
N ASP A 204 3.39 2.10 33.37
CA ASP A 204 4.68 2.18 32.69
C ASP A 204 5.59 3.08 33.52
N PRO A 205 6.78 2.57 33.91
CA PRO A 205 7.69 3.40 34.71
C PRO A 205 8.17 4.68 34.01
N GLY A 206 7.97 4.79 32.69
CA GLY A 206 8.44 5.96 31.97
C GLY A 206 9.95 6.13 32.04
N ILE A 207 10.68 5.04 31.87
CA ILE A 207 12.13 5.10 31.69
C ILE A 207 12.47 6.03 30.51
N GLY A 208 13.52 6.84 30.69
CA GLY A 208 13.96 7.77 29.66
C GLY A 208 13.22 9.08 29.69
N PHE A 209 12.26 9.20 30.60
CA PHE A 209 11.46 10.41 30.74
C PHE A 209 11.66 11.04 32.11
N ALA A 210 11.90 12.34 32.13
CA ALA A 210 11.99 13.12 33.36
C ALA A 210 12.95 12.51 34.36
N LYS A 211 13.91 11.74 33.86
CA LYS A 211 14.89 11.10 34.73
C LYS A 211 16.27 11.26 34.15
N THR A 212 17.22 11.57 35.03
CA THR A 212 18.62 11.56 34.69
C THR A 212 19.04 10.14 34.32
N PRO A 213 20.21 9.98 33.70
CA PRO A 213 20.65 8.62 33.39
C PRO A 213 20.70 7.78 34.65
N GLU A 214 21.26 8.34 35.72
CA GLU A 214 21.44 7.62 36.97
C GLU A 214 20.08 7.24 37.55
N GLN A 215 19.11 8.12 37.39
CA GLN A 215 17.76 7.85 37.87
C GLN A 215 17.06 6.73 37.11
N ASN A 216 17.28 6.68 35.80
CA ASN A 216 16.77 5.59 34.98
C ASN A 216 17.29 4.22 35.41
N LEU A 217 18.58 4.14 35.67
CA LEU A 217 19.20 2.91 36.18
C LEU A 217 18.63 2.52 37.52
N GLU A 218 18.37 3.53 38.36
CA GLU A 218 17.82 3.30 39.69
C GLU A 218 16.41 2.78 39.59
N ALA A 219 15.64 3.34 38.66
CA ALA A 219 14.27 2.88 38.43
C ALA A 219 14.26 1.44 37.92
N MET A 220 15.22 1.10 37.07
CA MET A 220 15.36 -0.26 36.57
C MET A 220 15.67 -1.20 37.73
N ARG A 221 16.63 -0.80 38.54
CA ARG A 221 17.05 -1.59 39.69
C ARG A 221 15.89 -1.89 40.66
N ASN A 222 14.93 -0.97 40.76
CA ASN A 222 13.86 -1.11 41.74
C ASN A 222 12.49 -1.26 41.15
N LEU A 223 12.47 -1.66 39.88
CA LEU A 223 11.24 -1.85 39.12
C LEU A 223 10.20 -2.73 39.82
N GLU A 224 10.65 -3.77 40.52
CA GLU A 224 9.69 -4.69 41.15
C GLU A 224 8.70 -3.99 42.11
N GLN A 225 9.09 -2.82 42.62
CA GLN A 225 8.22 -2.06 43.50
C GLN A 225 6.92 -1.61 42.85
N LEU A 226 6.88 -1.52 41.52
CA LEU A 226 5.65 -1.05 40.87
C LEU A 226 4.57 -2.07 41.08
N ASN A 227 4.99 -3.31 41.33
CA ASN A 227 4.04 -4.40 41.45
C ASN A 227 3.01 -4.26 42.56
N VAL A 228 3.39 -3.61 43.66
CA VAL A 228 2.48 -3.48 44.81
C VAL A 228 1.22 -2.72 44.43
N LEU A 229 1.31 -1.91 43.37
CA LEU A 229 0.13 -1.16 42.91
C LEU A 229 -0.96 -2.08 42.35
N GLY A 230 -0.58 -3.32 42.04
CA GLY A 230 -1.58 -4.31 41.64
C GLY A 230 -2.02 -4.26 40.18
N TYR A 231 -1.27 -3.57 39.32
CA TYR A 231 -1.59 -3.55 37.88
C TYR A 231 -0.48 -4.13 37.00
N PRO A 232 -0.84 -4.63 35.80
CA PRO A 232 0.20 -5.08 34.88
C PRO A 232 1.15 -3.94 34.54
N VAL A 233 2.42 -4.26 34.33
CA VAL A 233 3.42 -3.24 34.03
C VAL A 233 4.03 -3.45 32.63
N LEU A 234 4.09 -2.37 31.85
CA LEU A 234 4.77 -2.38 30.57
C LEU A 234 6.08 -1.63 30.69
N LEU A 235 7.16 -2.23 30.19
CA LEU A 235 8.46 -1.60 30.21
C LEU A 235 8.82 -1.07 28.83
N GLY A 236 9.30 0.17 28.77
CA GLY A 236 9.67 0.79 27.50
C GLY A 236 11.04 1.42 27.55
N THR A 237 12.06 0.63 27.22
CA THR A 237 13.44 1.07 27.33
C THR A 237 14.18 1.04 25.98
N SER A 238 13.51 0.56 24.94
CA SER A 238 14.16 0.22 23.67
C SER A 238 15.11 1.28 23.14
N ARG A 239 16.39 0.92 23.06
CA ARG A 239 17.41 1.77 22.43
C ARG A 239 17.56 3.14 23.05
N LYS A 240 16.97 3.33 24.23
CA LYS A 240 16.96 4.64 24.88
C LYS A 240 18.36 5.19 25.21
N SER A 241 18.39 6.50 25.41
CA SER A 241 19.63 7.21 25.68
C SER A 241 20.44 6.72 26.90
N PHE A 242 19.78 6.23 27.95
CA PHE A 242 20.53 5.78 29.13
C PHE A 242 21.35 4.52 28.84
N ILE A 243 20.88 3.70 27.92
CA ILE A 243 21.63 2.54 27.48
C ILE A 243 22.88 3.00 26.73
N GLY A 244 22.71 4.02 25.90
CA GLY A 244 23.83 4.59 25.17
C GLY A 244 24.78 5.22 26.15
N HIS A 245 24.25 5.69 27.28
CA HIS A 245 25.05 6.40 28.24
C HIS A 245 25.90 5.43 29.07
N VAL A 246 25.37 4.24 29.33
CA VAL A 246 26.14 3.22 30.04
C VAL A 246 27.19 2.64 29.09
N LEU A 247 26.73 2.17 27.94
CA LEU A 247 27.59 1.49 26.97
C LEU A 247 28.45 2.44 26.14
N ASP A 248 28.06 3.71 26.08
CA ASP A 248 28.71 4.65 25.17
C ASP A 248 28.64 4.15 23.73
N LEU A 249 27.41 3.93 23.26
CA LEU A 249 27.14 3.44 21.90
C LEU A 249 25.94 4.17 21.30
N PRO A 250 25.95 4.37 19.97
CA PRO A 250 24.85 5.07 19.31
C PRO A 250 23.59 4.21 19.20
N VAL A 251 22.49 4.86 18.86
CA VAL A 251 21.15 4.26 18.83
C VAL A 251 21.06 2.91 18.12
N GLU A 252 21.81 2.78 17.02
CA GLU A 252 21.75 1.56 16.21
C GLU A 252 22.62 0.44 16.79
N GLU A 253 23.42 0.76 17.80
CA GLU A 253 24.27 -0.22 18.47
C GLU A 253 23.77 -0.57 19.88
N ARG A 254 22.46 -0.57 20.08
CA ARG A 254 21.93 -0.71 21.44
C ARG A 254 21.10 -1.96 21.69
N LEU A 255 21.23 -2.96 20.82
CA LEU A 255 20.43 -4.18 20.94
C LEU A 255 20.75 -4.99 22.21
N GLU A 256 22.04 -5.08 22.57
CA GLU A 256 22.49 -5.81 23.74
C GLU A 256 22.08 -5.10 25.02
N GLY A 257 22.16 -3.77 25.02
CA GLY A 257 21.72 -2.98 26.16
C GLY A 257 20.23 -3.08 26.37
N THR A 258 19.47 -2.90 25.28
CA THR A 258 18.02 -3.10 25.32
C THR A 258 17.76 -4.50 25.88
N GLY A 259 18.44 -5.48 25.32
CA GLY A 259 18.27 -6.85 25.76
C GLY A 259 18.39 -6.98 27.27
N ALA A 260 19.45 -6.41 27.84
CA ALA A 260 19.68 -6.46 29.29
C ALA A 260 18.49 -5.90 30.04
N THR A 261 18.06 -4.70 29.65
CA THR A 261 16.94 -4.04 30.31
C THR A 261 15.65 -4.86 30.21
N VAL A 262 15.44 -5.51 29.06
CA VAL A 262 14.28 -6.36 28.86
C VAL A 262 14.33 -7.58 29.78
N CYS A 263 15.51 -8.16 29.93
CA CYS A 263 15.66 -9.34 30.77
C CYS A 263 15.43 -8.98 32.24
N LEU A 264 16.11 -7.92 32.70
CA LEU A 264 15.94 -7.42 34.04
C LEU A 264 14.47 -7.12 34.32
N GLY A 265 13.83 -6.41 33.40
CA GLY A 265 12.43 -6.06 33.52
C GLY A 265 11.53 -7.27 33.68
N ILE A 266 11.79 -8.31 32.90
CA ILE A 266 10.98 -9.52 32.99
C ILE A 266 11.19 -10.22 34.34
N GLU A 267 12.44 -10.28 34.79
CA GLU A 267 12.73 -10.84 36.09
C GLU A 267 11.94 -10.12 37.20
N LYS A 268 11.81 -8.81 37.05
CA LYS A 268 11.16 -7.98 38.04
C LYS A 268 9.65 -7.92 37.88
N GLY A 269 9.10 -8.77 37.02
CA GLY A 269 7.66 -8.96 36.96
C GLY A 269 6.86 -8.21 35.91
N CYS A 270 7.50 -7.54 34.96
CA CYS A 270 6.76 -6.82 33.91
CA CYS A 270 6.75 -6.82 33.93
C CYS A 270 5.99 -7.78 33.00
N GLU A 271 4.77 -7.37 32.62
CA GLU A 271 3.94 -8.16 31.73
C GLU A 271 4.11 -7.85 30.22
N PHE A 272 4.56 -6.63 29.88
CA PHE A 272 4.85 -6.28 28.47
C PHE A 272 6.19 -5.62 28.36
N VAL A 273 6.79 -5.70 27.18
CA VAL A 273 7.93 -4.85 26.83
C VAL A 273 7.70 -4.21 25.46
N ARG A 274 7.95 -2.90 25.38
CA ARG A 274 7.78 -2.13 24.16
C ARG A 274 9.14 -1.95 23.48
N VAL A 275 9.29 -2.55 22.30
CA VAL A 275 10.61 -2.68 21.67
C VAL A 275 10.63 -2.42 20.16
N HIS A 276 11.81 -2.07 19.63
CA HIS A 276 11.99 -1.94 18.18
C HIS A 276 12.40 -3.27 17.56
N ASP A 277 13.39 -3.91 18.17
CA ASP A 277 13.94 -5.16 17.69
C ASP A 277 13.09 -6.34 18.10
N VAL A 278 11.96 -6.53 17.42
CA VAL A 278 11.00 -7.57 17.77
C VAL A 278 11.55 -8.99 17.72
N LYS A 279 12.29 -9.31 16.68
CA LYS A 279 12.87 -10.65 16.55
C LYS A 279 13.71 -11.00 17.78
N GLU A 280 14.71 -10.17 18.03
CA GLU A 280 15.71 -10.43 19.05
C GLU A 280 15.07 -10.44 20.45
N MET A 281 14.19 -9.47 20.71
CA MET A 281 13.63 -9.31 22.04
C MET A 281 12.60 -10.37 22.34
N SER A 282 11.92 -10.86 21.30
CA SER A 282 11.00 -11.98 21.48
C SER A 282 11.74 -13.21 21.96
N ARG A 283 12.87 -13.51 21.33
CA ARG A 283 13.72 -14.62 21.77
C ARG A 283 14.21 -14.45 23.21
N MET A 284 14.74 -13.28 23.57
CA MET A 284 15.20 -13.07 24.93
C MET A 284 14.07 -13.19 25.92
N ALA A 285 12.92 -12.57 25.61
CA ALA A 285 11.75 -12.67 26.46
C ALA A 285 11.33 -14.12 26.68
N LYS A 286 11.26 -14.88 25.59
CA LYS A 286 10.80 -16.27 25.64
C LYS A 286 11.73 -17.11 26.50
N MET A 287 13.03 -16.90 26.35
CA MET A 287 14.00 -17.59 27.18
C MET A 287 13.85 -17.18 28.66
N MET A 288 13.62 -15.89 28.93
CA MET A 288 13.44 -15.42 30.29
C MET A 288 12.22 -16.10 30.89
N ASP A 289 11.09 -16.03 30.18
CA ASP A 289 9.89 -16.72 30.58
C ASP A 289 10.16 -18.16 30.98
N ALA A 290 10.83 -18.90 30.11
CA ALA A 290 11.13 -20.30 30.42
C ALA A 290 11.89 -20.42 31.73
N MET A 291 12.89 -19.57 31.93
CA MET A 291 13.72 -19.66 33.13
C MET A 291 13.01 -19.29 34.43
N ILE A 292 12.27 -18.18 34.42
CA ILE A 292 11.64 -17.71 35.64
C ILE A 292 10.36 -18.50 35.89
N GLY A 293 10.07 -19.45 35.02
CA GLY A 293 8.94 -20.34 35.17
C GLY A 293 7.62 -19.62 35.26
N LYS B 22 7.86 -14.96 -38.18
CA LYS B 22 7.24 -14.08 -39.17
C LYS B 22 7.51 -12.59 -38.90
N TRP B 23 7.47 -12.16 -37.64
CA TRP B 23 7.99 -10.85 -37.27
C TRP B 23 9.51 -10.98 -37.10
N ASP B 24 10.28 -10.07 -37.70
CA ASP B 24 11.74 -10.22 -37.62
C ASP B 24 12.38 -9.44 -36.48
N TYR B 25 11.53 -8.86 -35.62
CA TYR B 25 12.01 -8.14 -34.46
C TYR B 25 11.09 -8.36 -33.25
N ASP B 26 11.64 -8.17 -32.05
CA ASP B 26 10.87 -8.22 -30.81
C ASP B 26 10.51 -6.81 -30.37
N LEU B 27 9.42 -6.68 -29.64
CA LEU B 27 9.06 -5.41 -29.03
C LEU B 27 9.98 -5.16 -27.84
N ARG B 28 10.77 -4.10 -27.92
CA ARG B 28 11.76 -3.77 -26.90
C ARG B 28 11.20 -2.82 -25.84
N CYS B 29 11.00 -3.35 -24.63
CA CYS B 29 10.35 -2.57 -23.59
C CYS B 29 11.23 -2.31 -22.38
N GLY B 30 12.44 -1.83 -22.63
CA GLY B 30 13.37 -1.55 -21.55
C GLY B 30 13.90 -2.83 -20.96
N GLU B 31 13.58 -3.08 -19.70
CA GLU B 31 14.03 -4.29 -19.05
C GLU B 31 13.27 -5.50 -19.55
N TYR B 32 12.17 -5.26 -20.25
CA TYR B 32 11.34 -6.34 -20.77
C TYR B 32 11.40 -6.40 -22.31
N THR B 33 11.32 -7.61 -22.83
CA THR B 33 11.23 -7.80 -24.27
C THR B 33 10.03 -8.67 -24.57
N LEU B 34 9.18 -8.22 -25.50
CA LEU B 34 7.99 -8.97 -25.88
C LEU B 34 8.12 -9.57 -27.30
N ASN B 35 7.99 -10.90 -27.38
CA ASN B 35 8.08 -11.61 -28.64
C ASN B 35 6.73 -11.65 -29.35
N LEU B 36 6.71 -11.16 -30.59
CA LEU B 36 5.48 -11.03 -31.36
C LEU B 36 5.05 -12.30 -32.08
N ASN B 37 5.84 -13.37 -31.97
CA ASN B 37 5.55 -14.59 -32.74
C ASN B 37 5.05 -15.77 -31.91
N GLU B 38 5.52 -15.85 -30.67
CA GLU B 38 5.18 -16.97 -29.81
C GLU B 38 3.68 -17.09 -29.51
N LYS B 39 3.04 -15.95 -29.27
CA LYS B 39 1.66 -15.99 -28.82
C LYS B 39 1.03 -14.63 -28.89
N THR B 40 -0.30 -14.60 -28.81
CA THR B 40 -1.03 -13.35 -28.69
C THR B 40 -0.75 -12.75 -27.30
N LEU B 41 -0.40 -11.47 -27.30
CA LEU B 41 -0.03 -10.79 -26.06
C LEU B 41 -1.22 -10.15 -25.35
N ILE B 42 -1.36 -10.42 -24.06
CA ILE B 42 -2.53 -9.98 -23.34
C ILE B 42 -2.25 -8.70 -22.58
N MET B 43 -2.95 -7.63 -22.95
CA MET B 43 -2.87 -6.38 -22.22
C MET B 43 -4.01 -6.27 -21.20
N GLY B 44 -3.66 -6.34 -19.92
CA GLY B 44 -4.65 -6.25 -18.85
C GLY B 44 -5.03 -4.81 -18.56
N ILE B 45 -6.33 -4.55 -18.47
CA ILE B 45 -6.84 -3.20 -18.21
C ILE B 45 -6.97 -2.95 -16.70
N LEU B 46 -6.13 -2.05 -16.18
CA LEU B 46 -6.17 -1.70 -14.76
C LEU B 46 -7.40 -0.87 -14.38
N ASN B 47 -8.03 -1.25 -13.27
CA ASN B 47 -9.19 -0.52 -12.74
C ASN B 47 -8.98 1.00 -12.62
N SER B 58 -2.30 7.92 -2.84
CA SER B 58 -3.27 7.55 -1.81
C SER B 58 -3.22 6.06 -1.54
N TYR B 59 -3.29 5.65 -0.28
CA TYR B 59 -3.08 4.23 0.01
C TYR B 59 -4.19 3.35 -0.52
N ASN B 60 -5.44 3.74 -0.32
CA ASN B 60 -6.53 2.90 -0.77
C ASN B 60 -6.58 2.69 -2.28
N GLU B 61 -6.54 3.78 -3.03
CA GLU B 61 -6.60 3.63 -4.48
C GLU B 61 -5.34 2.98 -5.01
N VAL B 62 -4.17 3.39 -4.53
CA VAL B 62 -2.93 2.82 -5.06
C VAL B 62 -2.72 1.37 -4.67
N ASP B 63 -3.22 0.98 -3.49
CA ASP B 63 -3.11 -0.41 -3.09
C ASP B 63 -4.07 -1.32 -3.88
N ALA B 64 -5.27 -0.82 -4.16
CA ALA B 64 -6.23 -1.59 -4.94
C ALA B 64 -5.65 -1.90 -6.30
N ALA B 65 -4.92 -0.93 -6.82
CA ALA B 65 -4.34 -1.00 -8.16
C ALA B 65 -3.20 -2.01 -8.24
N VAL B 66 -2.28 -1.98 -7.26
CA VAL B 66 -1.20 -2.95 -7.17
C VAL B 66 -1.76 -4.37 -7.11
N ARG B 67 -2.79 -4.57 -6.29
CA ARG B 67 -3.37 -5.90 -6.15
C ARG B 67 -4.04 -6.37 -7.46
N HIS B 68 -4.76 -5.48 -8.12
CA HIS B 68 -5.40 -5.82 -9.39
C HIS B 68 -4.34 -6.20 -10.41
N ALA B 69 -3.26 -5.44 -10.44
CA ALA B 69 -2.17 -5.69 -11.39
C ALA B 69 -1.55 -7.05 -11.15
N LYS B 70 -1.33 -7.35 -9.87
CA LYS B 70 -0.75 -8.62 -9.44
C LYS B 70 -1.66 -9.80 -9.81
N GLU B 71 -2.96 -9.59 -9.69
CA GLU B 71 -3.94 -10.59 -10.05
C GLU B 71 -3.92 -10.82 -11.57
N MET B 72 -3.89 -9.74 -12.33
CA MET B 72 -3.86 -9.86 -13.79
C MET B 72 -2.57 -10.56 -14.21
N ARG B 73 -1.46 -10.21 -13.55
CA ARG B 73 -0.22 -10.92 -13.76
C ARG B 73 -0.40 -12.42 -13.52
N ASP B 74 -1.06 -12.76 -12.41
CA ASP B 74 -1.30 -14.16 -12.06
C ASP B 74 -2.20 -14.86 -13.09
N GLU B 75 -3.09 -14.10 -13.70
CA GLU B 75 -4.07 -14.66 -14.63
C GLU B 75 -3.60 -14.71 -16.10
N GLY B 76 -2.41 -14.19 -16.38
CA GLY B 76 -1.80 -14.35 -17.69
C GLY B 76 -1.57 -13.09 -18.52
N ALA B 77 -1.68 -11.93 -17.89
CA ALA B 77 -1.44 -10.66 -18.57
C ALA B 77 0.05 -10.48 -18.87
N HIS B 78 0.39 -9.94 -20.05
CA HIS B 78 1.78 -9.68 -20.43
C HIS B 78 2.12 -8.20 -20.33
N ILE B 79 1.08 -7.37 -20.35
CA ILE B 79 1.22 -5.92 -20.21
C ILE B 79 0.14 -5.42 -19.25
N ILE B 80 0.47 -4.40 -18.46
CA ILE B 80 -0.55 -3.72 -17.65
C ILE B 80 -0.83 -2.33 -18.21
N ASP B 81 -2.08 -2.08 -18.57
CA ASP B 81 -2.49 -0.79 -19.10
C ASP B 81 -3.08 0.07 -17.98
N ILE B 82 -2.56 1.28 -17.80
CA ILE B 82 -2.96 2.12 -16.70
C ILE B 82 -3.49 3.47 -17.18
N GLY B 83 -4.75 3.78 -16.88
CA GLY B 83 -5.29 5.10 -17.17
C GLY B 83 -6.75 5.10 -17.61
N SER B 95 -8.03 17.67 -15.87
CA SER B 95 -6.80 18.46 -15.79
C SER B 95 -5.57 17.61 -16.05
N VAL B 96 -4.52 18.22 -16.60
CA VAL B 96 -3.28 17.51 -16.89
C VAL B 96 -2.36 17.38 -15.66
N GLU B 97 -2.34 18.41 -14.80
CA GLU B 97 -1.58 18.34 -13.56
C GLU B 97 -2.12 17.23 -12.69
N GLU B 98 -3.44 17.12 -12.67
CA GLU B 98 -4.15 16.14 -11.85
C GLU B 98 -4.04 14.74 -12.43
N GLU B 99 -4.26 14.62 -13.73
CA GLU B 99 -4.09 13.33 -14.39
C GLU B 99 -2.73 12.74 -14.01
N ILE B 100 -1.70 13.58 -13.96
CA ILE B 100 -0.37 13.13 -13.55
C ILE B 100 -0.34 12.72 -12.08
N LYS B 101 -0.87 13.58 -11.20
CA LYS B 101 -0.98 13.25 -9.78
C LYS B 101 -1.65 11.90 -9.58
N ARG B 102 -2.68 11.63 -10.38
CA ARG B 102 -3.49 10.44 -10.19
C ARG B 102 -2.82 9.18 -10.74
N VAL B 103 -2.06 9.35 -11.82
CA VAL B 103 -1.53 8.20 -12.57
C VAL B 103 -0.09 7.83 -12.20
N VAL B 104 0.73 8.84 -11.92
CA VAL B 104 2.15 8.58 -11.62
C VAL B 104 2.39 7.73 -10.35
N PRO B 105 1.63 8.00 -9.27
CA PRO B 105 1.75 7.13 -8.10
C PRO B 105 1.46 5.68 -8.44
N MET B 106 0.48 5.46 -9.31
CA MET B 106 0.11 4.13 -9.74
C MET B 106 1.19 3.40 -10.53
N ILE B 107 1.79 4.10 -11.51
CA ILE B 107 2.86 3.52 -12.31
C ILE B 107 4.09 3.19 -11.44
N GLN B 108 4.51 4.14 -10.62
CA GLN B 108 5.62 3.93 -9.67
C GLN B 108 5.45 2.65 -8.86
N ALA B 109 4.28 2.50 -8.24
CA ALA B 109 4.03 1.38 -7.37
C ALA B 109 3.92 0.07 -8.16
N VAL B 110 3.11 0.08 -9.20
CA VAL B 110 2.91 -1.10 -10.03
C VAL B 110 4.21 -1.58 -10.68
N SER B 111 5.06 -0.66 -11.10
CA SER B 111 6.31 -1.06 -11.76
C SER B 111 7.31 -1.69 -10.78
N LYS B 112 7.37 -1.17 -9.57
CA LYS B 112 8.19 -1.78 -8.53
C LYS B 112 7.65 -3.15 -8.13
N GLU B 113 6.34 -3.28 -8.04
CA GLU B 113 5.76 -4.45 -7.40
C GLU B 113 5.29 -5.59 -8.32
N VAL B 114 5.17 -5.29 -9.60
CA VAL B 114 4.76 -6.29 -10.59
C VAL B 114 5.73 -6.25 -11.77
N LYS B 115 6.36 -7.39 -12.05
CA LYS B 115 7.38 -7.46 -13.10
C LYS B 115 6.73 -7.70 -14.46
N LEU B 116 6.22 -6.63 -15.05
CA LEU B 116 5.48 -6.68 -16.30
C LEU B 116 5.61 -5.31 -16.95
N PRO B 117 5.71 -5.25 -18.28
CA PRO B 117 5.72 -3.91 -18.89
C PRO B 117 4.40 -3.17 -18.64
N ILE B 118 4.51 -1.86 -18.47
CA ILE B 118 3.34 -1.01 -18.25
C ILE B 118 3.14 -0.04 -19.41
N SER B 119 1.91 0.12 -19.86
CA SER B 119 1.62 1.14 -20.84
C SER B 119 0.80 2.23 -20.20
N ILE B 120 1.14 3.48 -20.49
CA ILE B 120 0.37 4.61 -20.01
C ILE B 120 -0.73 4.97 -21.02
N ASP B 121 -1.97 4.75 -20.63
CA ASP B 121 -3.12 5.06 -21.46
C ASP B 121 -3.42 6.55 -21.41
N THR B 122 -2.80 7.31 -22.31
CA THR B 122 -3.09 8.75 -22.41
C THR B 122 -2.92 9.27 -23.84
N TYR B 123 -3.38 10.48 -24.09
CA TYR B 123 -3.17 11.13 -25.38
C TYR B 123 -2.46 12.47 -25.17
N LYS B 124 -2.01 12.74 -23.95
CA LYS B 124 -1.36 14.01 -23.65
C LYS B 124 0.14 13.81 -23.51
N ALA B 125 0.91 14.63 -24.23
CA ALA B 125 2.36 14.52 -24.25
C ALA B 125 2.99 14.53 -22.85
N GLU B 126 2.57 15.46 -22.02
CA GLU B 126 3.19 15.67 -20.70
C GLU B 126 2.88 14.53 -19.73
N VAL B 127 1.69 13.95 -19.85
CA VAL B 127 1.32 12.78 -19.08
C VAL B 127 2.21 11.60 -19.47
N ALA B 128 2.42 11.44 -20.77
CA ALA B 128 3.26 10.36 -21.29
C ALA B 128 4.70 10.48 -20.80
N LYS B 129 5.22 11.70 -20.79
CA LYS B 129 6.59 11.95 -20.34
C LYS B 129 6.72 11.57 -18.84
N GLN B 130 5.86 12.16 -18.01
CA GLN B 130 5.90 11.91 -16.58
C GLN B 130 5.69 10.43 -16.28
N ALA B 131 4.71 9.84 -16.97
CA ALA B 131 4.37 8.44 -16.77
C ALA B 131 5.54 7.53 -17.06
N ILE B 132 6.31 7.89 -18.09
CA ILE B 132 7.47 7.08 -18.48
C ILE B 132 8.61 7.25 -17.47
N GLU B 133 8.78 8.47 -16.99
CA GLU B 133 9.76 8.75 -15.94
C GLU B 133 9.39 7.99 -14.67
N ALA B 134 8.10 7.68 -14.54
CA ALA B 134 7.59 6.92 -13.41
C ALA B 134 7.88 5.41 -13.54
N GLY B 135 8.14 4.94 -14.76
CA GLY B 135 8.44 3.55 -14.98
C GLY B 135 7.65 2.89 -16.11
N ALA B 136 6.73 3.65 -16.72
CA ALA B 136 5.95 3.12 -17.83
C ALA B 136 6.84 2.84 -19.05
N HIS B 137 6.48 1.81 -19.82
CA HIS B 137 7.34 1.31 -20.89
C HIS B 137 6.79 1.63 -22.28
N ILE B 138 5.46 1.70 -22.39
CA ILE B 138 4.75 1.85 -23.65
C ILE B 138 3.77 3.01 -23.57
N ILE B 139 3.64 3.78 -24.64
CA ILE B 139 2.63 4.84 -24.68
C ILE B 139 1.41 4.33 -25.42
N ASN B 140 0.22 4.65 -24.87
CA ASN B 140 -1.03 4.16 -25.45
C ASN B 140 -2.02 5.28 -25.81
N ASP B 141 -2.01 5.71 -27.07
CA ASP B 141 -2.71 6.94 -27.45
C ASP B 141 -3.99 6.68 -28.26
N ILE B 142 -5.15 6.82 -27.61
CA ILE B 142 -6.43 6.68 -28.31
C ILE B 142 -6.66 7.71 -29.45
N TRP B 143 -5.71 8.62 -29.64
CA TRP B 143 -5.87 9.62 -30.69
C TRP B 143 -4.76 9.51 -31.74
N GLY B 144 -3.88 8.54 -31.55
CA GLY B 144 -2.83 8.26 -32.51
C GLY B 144 -1.96 9.45 -32.84
N ALA B 145 -1.58 10.20 -31.81
CA ALA B 145 -0.67 11.35 -31.97
C ALA B 145 -1.33 12.52 -32.68
N LYS B 146 -2.65 12.51 -32.78
CA LYS B 146 -3.37 13.61 -33.41
C LYS B 146 -3.89 14.63 -32.39
N ALA B 147 -4.09 14.16 -31.16
CA ALA B 147 -4.47 15.04 -30.07
C ALA B 147 -3.32 15.99 -29.75
N GLU B 148 -2.16 15.41 -29.47
CA GLU B 148 -0.98 16.19 -29.13
C GLU B 148 0.25 15.60 -29.80
N PRO B 149 0.47 15.97 -31.08
CA PRO B 149 1.56 15.43 -31.90
C PRO B 149 2.89 15.41 -31.14
N LYS B 150 3.02 16.25 -30.11
CA LYS B 150 4.23 16.30 -29.31
C LYS B 150 4.48 15.01 -28.57
N ILE B 151 3.45 14.16 -28.52
CA ILE B 151 3.57 12.88 -27.81
C ILE B 151 4.50 11.94 -28.58
N ALA B 152 4.47 12.04 -29.91
CA ALA B 152 5.38 11.30 -30.77
C ALA B 152 6.83 11.67 -30.50
N GLU B 153 7.09 12.94 -30.19
CA GLU B 153 8.42 13.38 -29.80
C GLU B 153 8.83 12.79 -28.46
N VAL B 154 7.84 12.59 -27.60
CA VAL B 154 8.10 11.95 -26.31
C VAL B 154 8.49 10.51 -26.55
N ALA B 155 7.74 9.86 -27.44
CA ALA B 155 7.97 8.47 -27.77
C ALA B 155 9.33 8.27 -28.42
N ALA B 156 9.69 9.18 -29.33
CA ALA B 156 10.96 9.10 -30.03
C ALA B 156 12.10 9.23 -29.05
N HIS B 157 12.02 10.24 -28.18
CA HIS B 157 13.09 10.53 -27.22
C HIS B 157 13.31 9.42 -26.19
N TYR B 158 12.24 8.79 -25.73
CA TYR B 158 12.38 7.73 -24.75
C TYR B 158 12.53 6.38 -25.41
N ASP B 159 12.37 6.37 -26.73
CA ASP B 159 12.55 5.17 -27.55
C ASP B 159 11.61 4.04 -27.13
N VAL B 160 10.39 4.41 -26.76
CA VAL B 160 9.38 3.46 -26.30
C VAL B 160 8.36 3.15 -27.40
N PRO B 161 7.77 1.94 -27.36
CA PRO B 161 6.72 1.62 -28.34
C PRO B 161 5.50 2.47 -28.11
N ILE B 162 4.83 2.88 -29.17
CA ILE B 162 3.62 3.66 -29.03
C ILE B 162 2.49 3.03 -29.81
N ILE B 163 1.30 2.99 -29.20
CA ILE B 163 0.14 2.43 -29.86
C ILE B 163 -0.65 3.57 -30.44
N LEU B 164 -0.90 3.54 -31.74
CA LEU B 164 -1.66 4.58 -32.40
C LEU B 164 -3.01 4.01 -32.72
N MET B 165 -4.04 4.49 -32.02
CA MET B 165 -5.38 4.00 -32.26
C MET B 165 -6.13 4.81 -33.31
N HIS B 166 -6.97 4.15 -34.08
CA HIS B 166 -7.81 4.88 -34.99
C HIS B 166 -8.87 5.67 -34.21
N ASN B 167 -8.98 6.95 -34.54
CA ASN B 167 -10.02 7.78 -33.96
C ASN B 167 -10.32 8.91 -34.93
N ARG B 168 -11.50 9.51 -34.77
CA ARG B 168 -11.86 10.68 -35.55
C ARG B 168 -13.10 11.34 -34.94
N ASP B 169 -13.35 12.59 -35.30
CA ASP B 169 -14.40 13.39 -34.66
C ASP B 169 -15.77 13.27 -35.34
N ASN B 170 -15.95 12.20 -36.11
CA ASN B 170 -17.18 12.01 -36.87
C ASN B 170 -17.30 10.57 -37.30
N MET B 171 -18.50 10.15 -37.68
CA MET B 171 -18.72 8.78 -38.11
C MET B 171 -19.09 8.74 -39.58
N ASN B 172 -18.58 9.70 -40.34
CA ASN B 172 -18.93 9.81 -41.76
C ASN B 172 -17.84 9.20 -42.65
N TYR B 173 -18.09 7.98 -43.10
CA TYR B 173 -17.11 7.22 -43.86
C TYR B 173 -17.55 7.00 -45.31
N ARG B 174 -16.62 7.25 -46.23
CA ARG B 174 -16.79 6.96 -47.66
C ARG B 174 -16.67 5.45 -47.89
N ASN B 175 -15.68 4.88 -47.23
CA ASN B 175 -15.36 3.46 -47.28
C ASN B 175 -14.69 3.15 -45.94
N LEU B 176 -15.40 2.50 -45.03
CA LEU B 176 -14.97 2.38 -43.62
C LEU B 176 -13.50 1.99 -43.47
N MET B 177 -13.16 0.80 -43.98
CA MET B 177 -11.82 0.23 -43.86
C MET B 177 -10.73 1.02 -44.58
N ALA B 178 -11.05 1.52 -45.77
CA ALA B 178 -10.11 2.31 -46.54
C ALA B 178 -9.85 3.60 -45.80
N ASP B 179 -10.94 4.21 -45.30
CA ASP B 179 -10.85 5.44 -44.51
C ASP B 179 -10.02 5.27 -43.26
N MET B 180 -10.24 4.17 -42.54
CA MET B 180 -9.49 3.84 -41.34
C MET B 180 -7.99 3.72 -41.61
N ILE B 181 -7.64 3.00 -42.69
CA ILE B 181 -6.24 2.80 -43.05
C ILE B 181 -5.59 4.15 -43.35
N ALA B 182 -6.26 4.93 -44.19
CA ALA B 182 -5.86 6.31 -44.45
C ALA B 182 -5.61 7.04 -43.12
N ASP B 183 -6.62 7.03 -42.25
CA ASP B 183 -6.50 7.66 -40.93
C ASP B 183 -5.33 7.11 -40.13
N LEU B 184 -5.17 5.80 -40.11
CA LEU B 184 -4.09 5.22 -39.32
C LEU B 184 -2.76 5.67 -39.89
N TYR B 185 -2.70 5.77 -41.21
CA TYR B 185 -1.46 6.14 -41.85
C TYR B 185 -1.09 7.59 -41.58
N ASP B 186 -2.08 8.47 -41.48
CA ASP B 186 -1.81 9.83 -41.02
C ASP B 186 -1.16 9.86 -39.62
N SER B 187 -1.50 8.86 -38.80
CA SER B 187 -0.87 8.76 -37.47
C SER B 187 0.55 8.25 -37.59
N ILE B 188 0.74 7.22 -38.42
CA ILE B 188 2.07 6.67 -38.64
C ILE B 188 3.03 7.76 -39.13
N LYS B 189 2.53 8.61 -40.02
CA LYS B 189 3.33 9.71 -40.57
C LYS B 189 3.80 10.66 -39.46
N ILE B 190 2.88 11.08 -38.60
CA ILE B 190 3.24 11.94 -37.48
C ILE B 190 4.33 11.31 -36.62
N ALA B 191 4.18 10.02 -36.34
CA ALA B 191 5.11 9.28 -35.49
C ALA B 191 6.51 9.25 -36.10
N LYS B 192 6.59 8.86 -37.37
CA LYS B 192 7.88 8.75 -38.05
C LYS B 192 8.51 10.11 -38.32
N ASP B 193 7.66 11.12 -38.53
CA ASP B 193 8.11 12.50 -38.70
C ASP B 193 8.80 13.00 -37.45
N ALA B 194 8.39 12.47 -36.30
CA ALA B 194 8.96 12.88 -35.02
C ALA B 194 10.18 12.04 -34.64
N GLY B 195 10.39 10.94 -35.36
CA GLY B 195 11.55 10.11 -35.16
C GLY B 195 11.26 8.70 -34.63
N VAL B 196 9.98 8.35 -34.50
CA VAL B 196 9.62 7.02 -34.02
C VAL B 196 10.05 5.93 -35.00
N ARG B 197 10.92 5.02 -34.54
CA ARG B 197 11.36 3.88 -35.35
C ARG B 197 10.19 2.96 -35.66
N ASP B 198 10.14 2.44 -36.89
CA ASP B 198 9.05 1.54 -37.27
C ASP B 198 8.76 0.48 -36.20
N GLU B 199 9.82 -0.04 -35.58
CA GLU B 199 9.70 -1.11 -34.58
C GLU B 199 8.95 -0.68 -33.33
N ASN B 200 8.80 0.63 -33.14
CA ASN B 200 8.10 1.16 -31.98
C ASN B 200 6.67 1.60 -32.30
N ILE B 201 6.17 1.22 -33.47
CA ILE B 201 4.79 1.52 -33.84
C ILE B 201 3.88 0.30 -33.72
N ILE B 202 2.73 0.49 -33.07
CA ILE B 202 1.68 -0.52 -32.95
C ILE B 202 0.37 0.13 -33.37
N LEU B 203 -0.53 -0.62 -34.01
CA LEU B 203 -1.77 0.00 -34.49
C LEU B 203 -3.00 -0.57 -33.81
N ASP B 204 -4.08 0.21 -33.79
CA ASP B 204 -5.31 -0.18 -33.12
C ASP B 204 -6.49 0.34 -33.95
N PRO B 205 -7.40 -0.56 -34.34
CA PRO B 205 -8.57 -0.17 -35.16
C PRO B 205 -9.55 0.74 -34.42
N GLY B 206 -9.42 0.88 -33.10
CA GLY B 206 -10.33 1.72 -32.36
C GLY B 206 -11.77 1.27 -32.52
N ILE B 207 -12.00 -0.03 -32.42
CA ILE B 207 -13.35 -0.55 -32.28
C ILE B 207 -14.01 0.11 -31.08
N GLY B 208 -15.21 0.67 -31.29
CA GLY B 208 -15.92 1.32 -30.22
C GLY B 208 -15.66 2.82 -30.15
N PHE B 209 -14.93 3.34 -31.13
CA PHE B 209 -14.67 4.78 -31.24
C PHE B 209 -15.02 5.29 -32.64
N ALA B 210 -15.75 6.39 -32.68
CA ALA B 210 -16.14 7.04 -33.92
C ALA B 210 -16.76 6.06 -34.90
N LYS B 211 -17.49 5.09 -34.37
CA LYS B 211 -18.14 4.08 -35.20
C LYS B 211 -19.52 3.70 -34.69
N THR B 212 -20.44 3.51 -35.62
CA THR B 212 -21.77 3.00 -35.30
C THR B 212 -21.62 1.52 -34.93
N PRO B 213 -22.63 0.96 -34.26
CA PRO B 213 -22.56 -0.47 -33.92
C PRO B 213 -22.28 -1.30 -35.16
N GLU B 214 -22.95 -0.97 -36.26
CA GLU B 214 -22.81 -1.72 -37.50
C GLU B 214 -21.42 -1.53 -38.09
N GLN B 215 -20.85 -0.33 -37.94
CA GLN B 215 -19.49 -0.09 -38.45
C GLN B 215 -18.46 -0.89 -37.67
N ASN B 216 -18.68 -1.01 -36.35
CA ASN B 216 -17.81 -1.81 -35.50
C ASN B 216 -17.76 -3.27 -35.93
N LEU B 217 -18.91 -3.82 -36.29
CA LEU B 217 -19.01 -5.21 -36.77
C LEU B 217 -18.30 -5.33 -38.11
N GLU B 218 -18.41 -4.26 -38.91
CA GLU B 218 -17.79 -4.22 -40.22
C GLU B 218 -16.27 -4.20 -40.06
N ALA B 219 -15.79 -3.39 -39.12
CA ALA B 219 -14.35 -3.27 -38.90
C ALA B 219 -13.80 -4.61 -38.42
N MET B 220 -14.47 -5.21 -37.44
CA MET B 220 -14.14 -6.56 -36.97
C MET B 220 -14.09 -7.55 -38.14
N ARG B 221 -15.10 -7.48 -39.00
CA ARG B 221 -15.22 -8.39 -40.13
C ARG B 221 -14.03 -8.28 -41.05
N ASN B 222 -13.44 -7.09 -41.14
CA ASN B 222 -12.40 -6.82 -42.12
C ASN B 222 -11.05 -6.43 -41.53
N LEU B 223 -10.86 -6.78 -40.27
CA LEU B 223 -9.66 -6.42 -39.53
C LEU B 223 -8.37 -6.82 -40.24
N GLU B 224 -8.39 -7.94 -40.95
CA GLU B 224 -7.17 -8.44 -41.56
C GLU B 224 -6.54 -7.45 -42.56
N GLN B 225 -7.32 -6.46 -43.01
CA GLN B 225 -6.79 -5.44 -43.90
C GLN B 225 -5.77 -4.52 -43.24
N LEU B 226 -5.84 -4.36 -41.92
CA LEU B 226 -4.90 -3.50 -41.23
C LEU B 226 -3.50 -4.03 -41.43
N ASN B 227 -3.42 -5.33 -41.67
CA ASN B 227 -2.14 -6.01 -41.79
C ASN B 227 -1.24 -5.51 -42.92
N VAL B 228 -1.84 -4.95 -43.98
CA VAL B 228 -1.06 -4.46 -45.13
C VAL B 228 -0.16 -3.28 -44.74
N LEU B 229 -0.48 -2.61 -43.64
CA LEU B 229 0.32 -1.49 -43.16
C LEU B 229 1.68 -1.96 -42.64
N GLY B 230 1.79 -3.26 -42.34
CA GLY B 230 3.06 -3.83 -41.89
C GLY B 230 3.43 -3.62 -40.43
N TYR B 231 2.46 -3.27 -39.59
CA TYR B 231 2.72 -3.07 -38.14
C TYR B 231 1.89 -3.99 -37.26
N PRO B 232 2.40 -4.31 -36.07
CA PRO B 232 1.59 -5.13 -35.16
C PRO B 232 0.26 -4.44 -34.84
N VAL B 233 -0.77 -5.26 -34.65
CA VAL B 233 -2.11 -4.74 -34.39
C VAL B 233 -2.61 -5.16 -33.00
N LEU B 234 -3.09 -4.17 -32.25
CA LEU B 234 -3.70 -4.39 -30.95
C LEU B 234 -5.20 -4.20 -31.06
N LEU B 235 -5.95 -5.18 -30.56
CA LEU B 235 -7.41 -5.13 -30.60
C LEU B 235 -7.98 -4.81 -29.22
N GLY B 236 -8.78 -3.75 -29.16
CA GLY B 236 -9.40 -3.32 -27.91
C GLY B 236 -10.90 -3.30 -28.01
N THR B 237 -11.55 -4.34 -27.50
CA THR B 237 -12.98 -4.50 -27.65
C THR B 237 -13.70 -4.83 -26.35
N SER B 238 -12.91 -5.12 -25.30
CA SER B 238 -13.41 -5.67 -24.04
C SER B 238 -14.67 -4.98 -23.52
N ARG B 239 -15.76 -5.73 -23.52
CA ARG B 239 -17.04 -5.31 -22.92
C ARG B 239 -17.65 -4.06 -23.54
N LYS B 240 -17.24 -3.71 -24.75
CA LYS B 240 -17.69 -2.47 -25.36
C LYS B 240 -19.17 -2.47 -25.75
N SER B 241 -19.68 -1.27 -26.00
CA SER B 241 -21.08 -1.07 -26.33
C SER B 241 -21.60 -1.97 -27.47
N PHE B 242 -20.80 -2.17 -28.52
CA PHE B 242 -21.31 -2.90 -29.68
C PHE B 242 -21.61 -4.36 -29.35
N ILE B 243 -20.88 -4.91 -28.39
CA ILE B 243 -21.16 -6.26 -27.91
C ILE B 243 -22.51 -6.28 -27.19
N GLY B 244 -22.78 -5.24 -26.41
CA GLY B 244 -24.06 -5.11 -25.73
C GLY B 244 -25.19 -4.98 -26.72
N HIS B 245 -24.93 -4.28 -27.82
CA HIS B 245 -25.96 -4.01 -28.82
C HIS B 245 -26.36 -5.28 -29.57
N VAL B 246 -25.41 -6.17 -29.80
CA VAL B 246 -25.67 -7.42 -30.49
C VAL B 246 -26.36 -8.41 -29.56
N LEU B 247 -25.80 -8.58 -28.36
CA LEU B 247 -26.30 -9.56 -27.40
C LEU B 247 -27.44 -9.05 -26.53
N ASP B 248 -27.65 -7.74 -26.55
CA ASP B 248 -28.58 -7.10 -25.62
C ASP B 248 -28.29 -7.54 -24.17
N LEU B 249 -27.07 -7.27 -23.71
CA LEU B 249 -26.62 -7.62 -22.37
C LEU B 249 -25.83 -6.47 -21.78
N PRO B 250 -25.92 -6.28 -20.45
CA PRO B 250 -25.23 -5.15 -19.82
C PRO B 250 -23.73 -5.42 -19.68
N VAL B 251 -22.97 -4.39 -19.33
CA VAL B 251 -21.50 -4.46 -19.31
C VAL B 251 -20.89 -5.62 -18.53
N GLU B 252 -21.54 -6.04 -17.45
CA GLU B 252 -21.00 -7.14 -16.67
C GLU B 252 -21.35 -8.50 -17.27
N GLU B 253 -22.19 -8.50 -18.30
CA GLU B 253 -22.57 -9.74 -18.97
C GLU B 253 -21.98 -9.85 -20.39
N ARG B 254 -20.77 -9.33 -20.60
CA ARG B 254 -20.20 -9.30 -21.96
C ARG B 254 -18.92 -10.12 -22.15
N LEU B 255 -18.72 -11.12 -21.30
CA LEU B 255 -17.49 -11.90 -21.35
C LEU B 255 -17.48 -12.81 -22.58
N GLU B 256 -18.61 -13.46 -22.84
CA GLU B 256 -18.71 -14.36 -23.99
C GLU B 256 -18.65 -13.58 -25.29
N GLY B 257 -19.32 -12.44 -25.34
CA GLY B 257 -19.23 -11.59 -26.52
C GLY B 257 -17.82 -11.08 -26.74
N THR B 258 -17.17 -10.65 -25.66
CA THR B 258 -15.80 -10.19 -25.74
C THR B 258 -14.95 -11.33 -26.28
N GLY B 259 -15.20 -12.52 -25.75
CA GLY B 259 -14.48 -13.71 -26.19
C GLY B 259 -14.52 -13.89 -27.70
N ALA B 260 -15.71 -13.78 -28.29
CA ALA B 260 -15.85 -13.93 -29.74
C ALA B 260 -15.00 -12.93 -30.49
N THR B 261 -15.04 -11.68 -30.06
CA THR B 261 -14.27 -10.62 -30.74
C THR B 261 -12.77 -10.91 -30.64
N VAL B 262 -12.31 -11.33 -29.46
CA VAL B 262 -10.93 -11.72 -29.27
C VAL B 262 -10.51 -12.85 -30.20
N CYS B 263 -11.36 -13.87 -30.29
CA CYS B 263 -11.06 -15.02 -31.16
C CYS B 263 -10.98 -14.62 -32.62
N LEU B 264 -11.96 -13.83 -33.07
CA LEU B 264 -12.01 -13.38 -34.45
C LEU B 264 -10.78 -12.52 -34.76
N GLY B 265 -10.48 -11.58 -33.86
CA GLY B 265 -9.32 -10.73 -33.98
C GLY B 265 -8.00 -11.47 -34.07
N ILE B 266 -7.87 -12.57 -33.35
CA ILE B 266 -6.62 -13.32 -33.40
C ILE B 266 -6.51 -14.07 -34.73
N GLU B 267 -7.63 -14.60 -35.20
CA GLU B 267 -7.65 -15.28 -36.48
C GLU B 267 -7.28 -14.31 -37.60
N LYS B 268 -7.66 -13.05 -37.43
CA LYS B 268 -7.36 -12.01 -38.42
C LYS B 268 -5.97 -11.39 -38.24
N GLY B 269 -5.14 -11.98 -37.38
CA GLY B 269 -3.74 -11.61 -37.28
C GLY B 269 -3.36 -10.57 -36.25
N CYS B 270 -4.18 -10.39 -35.20
CA CYS B 270 -3.83 -9.44 -34.14
C CYS B 270 -2.68 -9.94 -33.29
N GLU B 271 -1.79 -9.03 -32.93
CA GLU B 271 -0.68 -9.37 -32.05
C GLU B 271 -0.97 -9.18 -30.53
N PHE B 272 -1.84 -8.22 -30.18
CA PHE B 272 -2.25 -8.00 -28.79
C PHE B 272 -3.75 -7.88 -28.71
N VAL B 273 -4.31 -8.21 -27.54
CA VAL B 273 -5.70 -7.88 -27.21
C VAL B 273 -5.73 -7.22 -25.83
N ARG B 274 -6.49 -6.14 -25.71
CA ARG B 274 -6.63 -5.38 -24.49
C ARG B 274 -7.93 -5.79 -23.81
N VAL B 275 -7.85 -6.36 -22.62
CA VAL B 275 -9.02 -6.99 -22.02
C VAL B 275 -9.19 -6.77 -20.50
N HIS B 276 -10.43 -6.79 -20.02
CA HIS B 276 -10.67 -6.77 -18.57
C HIS B 276 -10.54 -8.17 -18.01
N ASP B 277 -11.14 -9.14 -18.69
CA ASP B 277 -11.20 -10.51 -18.18
C ASP B 277 -9.96 -11.31 -18.56
N VAL B 278 -8.87 -11.04 -17.85
CA VAL B 278 -7.58 -11.61 -18.20
C VAL B 278 -7.54 -13.14 -18.19
N LYS B 279 -7.97 -13.75 -17.10
CA LYS B 279 -7.95 -15.22 -16.97
C LYS B 279 -8.62 -15.89 -18.17
N GLU B 280 -9.87 -15.48 -18.43
CA GLU B 280 -10.72 -16.13 -19.41
C GLU B 280 -10.21 -15.88 -20.85
N MET B 281 -9.92 -14.62 -21.16
CA MET B 281 -9.44 -14.23 -22.49
C MET B 281 -8.08 -14.82 -22.80
N SER B 282 -7.27 -14.97 -21.75
CA SER B 282 -5.96 -15.58 -21.86
C SER B 282 -6.07 -17.05 -22.30
N ARG B 283 -7.03 -17.76 -21.72
CA ARG B 283 -7.32 -19.14 -22.12
C ARG B 283 -7.79 -19.24 -23.58
N MET B 284 -8.73 -18.38 -23.98
CA MET B 284 -9.23 -18.38 -25.35
C MET B 284 -8.12 -18.06 -26.31
N ALA B 285 -7.35 -17.03 -25.98
CA ALA B 285 -6.23 -16.62 -26.81
C ALA B 285 -5.32 -17.82 -27.04
N LYS B 286 -4.89 -18.43 -25.94
CA LYS B 286 -3.98 -19.55 -25.99
C LYS B 286 -4.51 -20.66 -26.88
N MET B 287 -5.81 -20.93 -26.80
CA MET B 287 -6.40 -21.99 -27.61
C MET B 287 -6.43 -21.58 -29.10
N MET B 288 -6.70 -20.31 -29.39
CA MET B 288 -6.67 -19.78 -30.75
C MET B 288 -5.26 -19.93 -31.31
N ASP B 289 -4.30 -19.37 -30.58
CA ASP B 289 -2.89 -19.50 -30.93
C ASP B 289 -2.58 -20.93 -31.36
N ALA B 290 -2.99 -21.89 -30.53
CA ALA B 290 -2.73 -23.29 -30.81
C ALA B 290 -3.37 -23.73 -32.13
N MET B 291 -4.58 -23.27 -32.39
CA MET B 291 -5.29 -23.70 -33.58
C MET B 291 -4.72 -23.08 -34.86
N ILE B 292 -4.45 -21.77 -34.82
CA ILE B 292 -3.95 -21.08 -36.00
C ILE B 292 -2.45 -21.32 -36.21
N GLY B 293 -1.78 -21.90 -35.22
CA GLY B 293 -0.38 -22.29 -35.34
C GLY B 293 0.65 -21.20 -35.01
N LYS B 294 0.29 -20.31 -34.09
CA LYS B 294 1.17 -19.20 -33.68
C LYS B 294 2.52 -19.69 -33.15
N LYS C . 7.30 -17.80 33.45
CA LYS C . 5.95 -17.30 33.21
C LYS C . 5.13 -18.35 32.48
O LYS C . 5.69 -19.25 31.84
CB LYS C . 6.01 -16.00 32.41
CG LYS C . 4.81 -15.10 32.62
CD LYS C . 5.02 -13.73 32.00
CE LYS C . 6.29 -13.07 32.54
NZ LYS C . 6.33 -11.61 32.26
S SO4 D . 0.14 -11.37 4.70
O1 SO4 D . 1.43 -10.76 4.37
O2 SO4 D . 0.37 -12.63 5.43
O3 SO4 D . -0.67 -10.44 5.49
O4 SO4 D . -0.60 -11.67 3.49
S SO4 E . 20.68 9.95 22.39
O1 SO4 E . 21.52 10.57 23.42
O2 SO4 E . 19.29 10.36 22.58
O3 SO4 E . 21.13 10.42 21.07
O4 SO4 E . 20.77 8.50 22.43
S SO4 F . 14.52 -0.14 12.49
O1 SO4 F . 15.17 1.14 12.73
O2 SO4 F . 13.50 -0.37 13.52
O3 SO4 F . 13.87 -0.12 11.19
O4 SO4 F . 15.52 -1.22 12.51
O1 0HY G . 8.73 4.24 26.99
N1 0HY G . 3.90 3.34 26.96
C1 0HY G . 7.31 5.32 25.30
C2 0HY G . 7.49 4.42 26.42
N2 0HY G . 4.93 4.85 25.32
C3 0HY G . 9.27 6.35 20.84
N3 0HY G . 6.82 7.09 23.08
C4 0HY G . 8.05 6.98 23.46
C5 0HY G . 9.57 4.72 19.30
C6 0HY G . 6.03 5.48 24.82
C7 0HY G . 8.39 6.10 24.60
C8 0HY G . 10.00 7.22 21.81
N4 0HY G . 5.86 6.38 23.72
C9 0HY G . 5.05 3.98 26.41
C10 0HY G . 8.53 9.13 22.34
N5 0HY G . 6.38 3.76 26.97
O2 0HY G . 8.42 6.83 20.05
O3 0HY G . 9.79 5.25 20.55
C11 0HY G . 9.13 7.86 22.86
O4 0HY G . 9.70 5.96 24.97
S SO4 H . -23.23 0.54 -23.05
O1 SO4 H . -24.02 0.39 -21.82
O2 SO4 H . -23.71 -0.44 -24.02
O3 SO4 H . -23.43 1.89 -23.58
O4 SO4 H . -21.81 0.33 -22.75
S SO4 I . -13.94 -6.60 -12.89
O1 SO4 I . -13.75 -6.12 -11.52
O2 SO4 I . -15.17 -7.38 -12.96
O3 SO4 I . -14.03 -5.44 -13.78
O4 SO4 I . -12.81 -7.44 -13.28
S SO4 J . -18.60 -6.66 -45.63
O1 SO4 J . -17.79 -6.52 -44.42
O2 SO4 J . -18.37 -8.00 -46.20
O3 SO4 J . -20.01 -6.51 -45.32
O4 SO4 J . -18.21 -5.64 -46.59
S SO4 K . 3.69 -10.96 -5.01
O1 SO4 K . 4.41 -10.96 -3.74
O2 SO4 K . 2.26 -10.78 -4.73
O3 SO4 K . 4.20 -9.86 -5.83
O4 SO4 K . 3.91 -12.24 -5.69
S SO4 L . -5.23 -21.08 -15.84
O1 SO4 L . -5.81 -20.17 -16.83
O2 SO4 L . -3.78 -21.09 -15.97
O3 SO4 L . -5.62 -20.63 -14.50
O4 SO4 L . -5.75 -22.43 -16.06
O1 0HY M . -9.93 0.20 -27.35
N1 0HY M . -5.15 1.31 -27.41
C1 0HY M . -9.02 1.75 -25.66
C2 0HY M . -8.85 0.86 -26.78
N2 0HY M . -6.66 2.28 -25.73
C3 0HY M . -10.94 2.00 -20.98
N3 0HY M . -9.23 3.55 -23.44
C4 0HY M . -10.33 2.95 -23.79
C5 0HY M . -12.32 0.36 -21.92
C6 0HY M . -7.91 2.41 -25.20
C7 0HY M . -10.31 2.01 -24.93
C8 0HY M . -11.77 3.09 -21.62
N4 0HY M . -8.09 3.29 -24.09
C9 0HY M . -6.45 1.44 -26.83
C10 0HY M . -12.04 4.69 -23.40
N5 0HY M . -7.58 0.70 -27.37
O2 0HY M . -10.19 2.34 -20.03
O3 0HY M . -11.34 0.79 -21.03
C11 0HY M . -11.66 3.27 -23.10
O4 0HY M . -11.46 1.35 -25.24
#